data_6BQ9
#
_entry.id   6BQ9
#
_cell.length_a   71.494
_cell.length_b   224.057
_cell.length_c   115.747
_cell.angle_alpha   90.00
_cell.angle_beta   90.00
_cell.angle_gamma   90.00
#
_symmetry.space_group_name_H-M   'C 2 2 21'
#
loop_
_entity.id
_entity.type
_entity.pdbx_description
1 polymer 'DNA topoisomerase 4 subunit A'
2 non-polymer 'SODIUM ION'
3 non-polymer 'CHLORIDE ION'
4 water water
#
_entity_poly.entity_id   1
_entity_poly.type   'polypeptide(L)'
_entity_poly.pdbx_seq_one_letter_code
;SNAMSDSLELSLDGVERRSLADFTEQAYLNYSMYVIMDRALPHIGDGLKPVQRRIVYAMSELGLDADAKHKKSARTVGDV
LGKFHPHGDSACYEAMVLMAQPFSYRYTLVDGQGNWGAPDDPKSFAAMRYTEARLSRYAEVLLSEVGQGTVDWVPNFDGT
LQEPAVLPARLPNILLNGTTGIAVGMATDVPPHNLREVASACVRLLDEPKATIEQLCEHIQGPDYPTEAEIVTPRAEILK
MYESGRGSIRMRAVYRVEDGDIVVTALPHQVSGAKVLEQIAAQMQAKKLPMVADLRDESDHENPCRIVIIPRSNRVDVDE
LMQHLFATTDLESTYRVNVNIIGLDGRPQLKNLRTLLVEWLEFRTNTVRRRLQHRLDKVEKRLHLLDGLLTAFLNLDEVI
HIIRTEEYPKQALIERFELTEIQADYILETRLRQLARLEEMKIRGEQDELLKEQAKLQALLGSEAKLRKLVRSELIKDAE
TYGDDRRSPIVARAEA
;
_entity_poly.pdbx_strand_id   A
#
# COMPACT_ATOMS: atom_id res chain seq x y z
N ASP A 38 -4.15 -24.82 -4.15
CA ASP A 38 -4.87 -23.79 -3.33
C ASP A 38 -3.88 -22.73 -2.76
N ARG A 39 -2.94 -22.26 -3.60
CA ARG A 39 -1.97 -21.22 -3.17
C ARG A 39 -2.39 -19.87 -3.74
N ALA A 40 -2.22 -18.82 -2.96
CA ALA A 40 -2.56 -17.48 -3.39
C ALA A 40 -1.31 -16.79 -3.90
N LEU A 41 -1.43 -16.11 -5.05
CA LEU A 41 -0.33 -15.35 -5.63
C LEU A 41 -0.72 -13.87 -5.61
N PRO A 42 0.26 -12.97 -5.35
CA PRO A 42 -0.09 -11.55 -5.33
C PRO A 42 -0.42 -11.01 -6.71
N HIS A 43 -1.27 -9.98 -6.76
CA HIS A 43 -1.68 -9.38 -8.02
C HIS A 43 -0.78 -8.16 -8.29
N ILE A 44 -0.29 -8.02 -9.52
CA ILE A 44 0.62 -6.93 -9.87
C ILE A 44 0.05 -5.57 -9.55
N GLY A 45 -1.26 -5.42 -9.72
CA GLY A 45 -1.96 -4.17 -9.48
C GLY A 45 -1.74 -3.53 -8.13
N ASP A 46 -2.05 -4.25 -7.06
CA ASP A 46 -1.90 -3.71 -5.70
C ASP A 46 -1.04 -4.58 -4.80
N GLY A 47 -0.43 -5.61 -5.37
CA GLY A 47 0.45 -6.51 -4.61
C GLY A 47 -0.18 -7.31 -3.48
N LEU A 48 -1.50 -7.46 -3.51
CA LEU A 48 -2.18 -8.19 -2.46
C LEU A 48 -2.74 -9.54 -2.88
N LYS A 49 -2.96 -10.36 -1.86
CA LYS A 49 -3.57 -11.68 -2.00
C LYS A 49 -5.00 -11.47 -1.46
N PRO A 50 -5.93 -12.38 -1.76
CA PRO A 50 -7.30 -12.16 -1.28
C PRO A 50 -7.41 -11.89 0.23
N VAL A 51 -6.72 -12.68 1.04
CA VAL A 51 -6.75 -12.52 2.50
C VAL A 51 -6.56 -11.04 2.88
N GLN A 52 -5.46 -10.48 2.40
CA GLN A 52 -5.05 -9.12 2.66
C GLN A 52 -6.02 -8.06 2.14
N ARG A 53 -6.44 -8.23 0.89
CA ARG A 53 -7.33 -7.27 0.21
C ARG A 53 -8.66 -7.09 0.95
N ARG A 54 -9.18 -8.20 1.47
CA ARG A 54 -10.43 -8.20 2.19
C ARG A 54 -10.32 -7.49 3.54
N ILE A 55 -9.23 -7.73 4.24
CA ILE A 55 -9.04 -7.07 5.53
C ILE A 55 -9.02 -5.55 5.36
N VAL A 56 -8.29 -5.05 4.35
CA VAL A 56 -8.18 -3.59 4.17
C VAL A 56 -9.51 -3.00 3.65
N TYR A 57 -10.16 -3.68 2.72
CA TYR A 57 -11.44 -3.19 2.21
C TYR A 57 -12.46 -3.14 3.33
N ALA A 58 -12.50 -4.21 4.12
CA ALA A 58 -13.38 -4.33 5.27
C ALA A 58 -13.18 -3.15 6.21
N MET A 59 -11.91 -2.81 6.45
CA MET A 59 -11.57 -1.73 7.37
C MET A 59 -11.93 -0.36 6.81
N SER A 60 -11.76 -0.13 5.51
CA SER A 60 -12.13 1.20 4.99
C SER A 60 -13.66 1.31 4.98
N GLU A 61 -14.36 0.18 4.82
CA GLU A 61 -15.83 0.18 4.83
C GLU A 61 -16.39 0.45 6.24
N LEU A 62 -15.66 0.04 7.27
CA LEU A 62 -16.02 0.30 8.68
C LEU A 62 -15.65 1.73 9.05
N GLY A 63 -15.05 2.44 8.10
CA GLY A 63 -14.63 3.83 8.29
C GLY A 63 -13.42 3.97 9.18
N LEU A 64 -12.58 2.94 9.20
CA LEU A 64 -11.39 2.92 10.03
C LEU A 64 -10.18 3.42 9.27
N ASP A 65 -10.27 4.65 8.76
CA ASP A 65 -9.14 5.22 8.04
C ASP A 65 -8.16 5.82 9.08
N ALA A 66 -7.10 6.45 8.60
CA ALA A 66 -6.07 6.99 9.48
C ALA A 66 -6.52 8.20 10.31
N ASP A 67 -7.67 8.79 10.00
CA ASP A 67 -8.21 9.94 10.78
C ASP A 67 -9.19 9.49 11.84
N ALA A 68 -9.69 8.25 11.71
CA ALA A 68 -10.67 7.68 12.65
C ALA A 68 -10.03 7.20 13.94
N LYS A 69 -10.88 6.93 14.94
CA LYS A 69 -10.40 6.44 16.22
C LYS A 69 -10.24 4.93 16.11
N HIS A 70 -9.22 4.40 16.78
CA HIS A 70 -8.98 2.95 16.77
C HIS A 70 -10.19 2.20 17.30
N LYS A 71 -10.48 1.05 16.67
CA LYS A 71 -11.58 0.21 17.08
C LYS A 71 -11.07 -1.20 17.30
N LYS A 72 -11.61 -1.86 18.33
CA LYS A 72 -11.21 -3.21 18.68
C LYS A 72 -11.09 -4.10 17.45
N SER A 73 -9.96 -4.80 17.39
CA SER A 73 -9.64 -5.65 16.24
C SER A 73 -10.75 -6.63 15.88
N ALA A 74 -11.47 -7.11 16.89
CA ALA A 74 -12.54 -8.07 16.69
C ALA A 74 -13.58 -7.57 15.69
N ARG A 75 -13.95 -6.31 15.80
CA ARG A 75 -14.95 -5.68 14.93
C ARG A 75 -14.61 -5.92 13.44
N THR A 76 -13.34 -5.72 13.11
CA THR A 76 -12.80 -5.90 11.77
C THR A 76 -12.81 -7.37 11.39
N VAL A 77 -12.32 -8.23 12.30
CA VAL A 77 -12.30 -9.68 12.06
C VAL A 77 -13.73 -10.18 11.82
N GLY A 78 -14.67 -9.66 12.61
CA GLY A 78 -16.08 -10.01 12.51
C GLY A 78 -16.64 -9.71 11.14
N ASP A 79 -16.34 -8.52 10.61
CA ASP A 79 -16.78 -8.14 9.26
C ASP A 79 -16.17 -9.04 8.19
N VAL A 80 -14.86 -9.27 8.26
CA VAL A 80 -14.19 -10.09 7.26
C VAL A 80 -14.77 -11.50 7.25
N LEU A 81 -15.00 -12.02 8.45
CA LEU A 81 -15.55 -13.36 8.64
C LEU A 81 -17.01 -13.44 8.13
N GLY A 82 -17.80 -12.42 8.41
CA GLY A 82 -19.19 -12.42 7.99
C GLY A 82 -19.47 -12.07 6.54
N LYS A 83 -18.68 -11.16 5.99
CA LYS A 83 -18.90 -10.68 4.63
C LYS A 83 -17.98 -11.16 3.51
N PHE A 84 -16.70 -11.39 3.80
CA PHE A 84 -15.72 -11.74 2.75
C PHE A 84 -15.04 -13.13 2.81
N HIS A 85 -14.37 -13.50 3.90
CA HIS A 85 -13.76 -14.84 4.01
C HIS A 85 -14.38 -15.50 5.26
N PRO A 86 -15.42 -16.35 5.08
CA PRO A 86 -16.21 -16.94 6.19
C PRO A 86 -15.69 -18.19 6.86
N HIS A 87 -14.39 -18.21 7.14
CA HIS A 87 -13.78 -19.37 7.76
C HIS A 87 -13.43 -19.16 9.22
N GLY A 88 -12.51 -18.27 9.53
CA GLY A 88 -12.19 -18.12 10.93
C GLY A 88 -11.54 -16.85 11.43
N ASP A 89 -11.70 -16.66 12.73
CA ASP A 89 -11.13 -15.53 13.45
C ASP A 89 -9.58 -15.56 13.48
N SER A 90 -8.99 -16.75 13.54
CA SER A 90 -7.53 -16.91 13.60
C SER A 90 -6.81 -16.60 12.27
N ALA A 91 -7.28 -17.18 11.17
CA ALA A 91 -6.66 -16.96 9.84
C ALA A 91 -6.55 -15.47 9.52
N CYS A 92 -7.69 -14.81 9.64
CA CYS A 92 -7.83 -13.39 9.36
C CYS A 92 -6.96 -12.50 10.26
N TYR A 93 -7.12 -12.65 11.57
CA TYR A 93 -6.39 -11.84 12.55
C TYR A 93 -4.88 -12.01 12.46
N GLU A 94 -4.40 -13.20 12.11
CA GLU A 94 -2.94 -13.39 11.97
C GLU A 94 -2.42 -12.52 10.83
N ALA A 95 -3.11 -12.56 9.68
CA ALA A 95 -2.72 -11.72 8.52
C ALA A 95 -2.82 -10.23 8.85
N MET A 96 -3.78 -9.89 9.70
CA MET A 96 -4.01 -8.52 10.13
C MET A 96 -2.90 -8.03 11.06
N VAL A 97 -2.47 -8.88 11.98
CA VAL A 97 -1.40 -8.50 12.89
C VAL A 97 -0.12 -8.22 12.12
N LEU A 98 0.10 -9.00 11.08
CA LEU A 98 1.30 -8.88 10.26
C LEU A 98 1.36 -7.48 9.58
N MET A 99 0.22 -7.01 9.08
CA MET A 99 0.12 -5.68 8.46
C MET A 99 0.43 -4.53 9.42
N ALA A 100 0.23 -4.74 10.72
CA ALA A 100 0.51 -3.70 11.73
C ALA A 100 1.92 -3.72 12.29
N GLN A 101 2.72 -4.71 11.90
CA GLN A 101 4.11 -4.86 12.37
C GLN A 101 5.08 -4.16 11.40
N PRO A 102 5.75 -3.08 11.86
CA PRO A 102 6.70 -2.32 10.99
C PRO A 102 7.97 -3.09 10.66
N PHE A 103 8.24 -4.15 11.41
CA PHE A 103 9.40 -5.03 11.20
C PHE A 103 9.03 -6.26 10.32
N SER A 104 7.78 -6.30 9.86
CA SER A 104 7.27 -7.35 8.99
C SER A 104 6.94 -6.76 7.61
N TYR A 105 6.20 -5.65 7.63
CA TYR A 105 5.83 -4.90 6.43
C TYR A 105 6.74 -3.69 6.31
N ARG A 106 7.28 -3.46 5.11
CA ARG A 106 8.14 -2.29 4.87
C ARG A 106 7.28 -1.02 4.96
N TYR A 107 6.04 -1.11 4.53
CA TYR A 107 5.08 -0.01 4.63
C TYR A 107 3.82 -0.65 5.21
N THR A 108 3.63 -0.47 6.52
CA THR A 108 2.50 -1.05 7.23
C THR A 108 1.19 -0.58 6.64
N LEU A 109 0.16 -1.44 6.72
CA LEU A 109 -1.18 -1.09 6.21
C LEU A 109 -2.15 -0.87 7.36
N VAL A 110 -1.75 -1.27 8.57
CA VAL A 110 -2.56 -1.10 9.76
C VAL A 110 -1.76 -0.43 10.87
N ASP A 111 -2.38 0.53 11.53
CA ASP A 111 -1.77 1.23 12.65
C ASP A 111 -2.43 0.58 13.86
N GLY A 112 -1.65 -0.11 14.68
CA GLY A 112 -2.17 -0.80 15.85
C GLY A 112 -1.78 -0.29 17.23
N GLN A 113 -2.72 -0.39 18.18
CA GLN A 113 -2.51 -0.03 19.58
C GLN A 113 -2.67 -1.28 20.42
N GLY A 114 -1.77 -1.46 21.38
CA GLY A 114 -1.75 -2.63 22.23
C GLY A 114 -0.56 -3.50 21.88
N ASN A 115 -0.64 -4.77 22.26
CA ASN A 115 0.43 -5.71 22.01
C ASN A 115 0.23 -6.36 20.64
N TRP A 116 0.96 -5.87 19.66
CA TRP A 116 0.90 -6.41 18.30
C TRP A 116 2.17 -7.19 18.01
N GLY A 117 2.65 -7.90 19.02
CA GLY A 117 3.86 -8.69 18.91
C GLY A 117 5.10 -7.85 18.94
N ALA A 118 6.25 -8.53 19.10
CA ALA A 118 7.56 -7.89 19.15
C ALA A 118 8.48 -8.52 18.08
N PRO A 119 9.62 -7.84 17.75
CA PRO A 119 10.60 -8.30 16.74
C PRO A 119 11.12 -9.77 16.80
N ASP A 120 11.65 -10.22 17.95
CA ASP A 120 12.15 -11.63 18.09
C ASP A 120 11.09 -12.74 18.10
N ASP A 121 9.82 -12.37 18.30
CA ASP A 121 8.69 -13.32 18.26
C ASP A 121 7.41 -12.62 17.78
N PRO A 122 7.26 -12.47 16.44
CA PRO A 122 6.08 -11.84 15.86
C PRO A 122 4.74 -12.53 16.19
N LYS A 123 4.78 -13.60 16.99
CA LYS A 123 3.57 -14.34 17.38
C LYS A 123 3.06 -13.99 18.79
N SER A 124 3.77 -13.11 19.51
CA SER A 124 3.40 -12.75 20.90
C SER A 124 2.33 -11.65 20.97
N PHE A 125 1.42 -11.64 20.01
CA PHE A 125 0.37 -10.63 19.96
C PHE A 125 -0.80 -11.03 20.87
N ALA A 126 -1.40 -10.03 21.52
CA ALA A 126 -2.54 -10.26 22.41
C ALA A 126 -3.77 -10.64 21.59
N ALA A 127 -4.81 -11.12 22.27
CA ALA A 127 -6.05 -11.52 21.61
C ALA A 127 -6.71 -10.31 20.95
N MET A 128 -7.61 -10.58 20.00
CA MET A 128 -8.30 -9.51 19.28
C MET A 128 -9.32 -8.71 20.10
N ARG A 129 -9.68 -9.21 21.27
CA ARG A 129 -10.61 -8.46 22.12
C ARG A 129 -9.90 -7.32 22.84
N TYR A 130 -8.55 -7.36 22.88
CA TYR A 130 -7.72 -6.34 23.55
C TYR A 130 -7.06 -5.30 22.60
N THR A 131 -6.47 -5.78 21.51
CA THR A 131 -5.84 -4.90 20.54
C THR A 131 -6.86 -4.00 19.81
N GLU A 132 -6.39 -2.84 19.35
CA GLU A 132 -7.22 -1.86 18.64
C GLU A 132 -6.53 -1.50 17.32
N ALA A 133 -7.32 -1.27 16.27
CA ALA A 133 -6.74 -0.98 14.96
C ALA A 133 -7.55 -0.05 14.03
N ARG A 134 -6.81 0.68 13.23
CA ARG A 134 -7.33 1.61 12.24
C ARG A 134 -6.36 1.44 11.06
N LEU A 135 -6.63 2.01 9.91
CA LEU A 135 -5.70 1.89 8.81
C LEU A 135 -4.48 2.83 8.96
N SER A 136 -3.47 2.49 8.19
CA SER A 136 -2.23 3.22 8.11
C SER A 136 -2.45 4.46 7.26
N ARG A 137 -1.49 5.39 7.30
CA ARG A 137 -1.56 6.56 6.45
C ARG A 137 -1.30 6.05 5.02
N TYR A 138 -0.32 5.14 4.92
CA TYR A 138 0.07 4.53 3.65
C TYR A 138 -1.10 3.79 3.01
N ALA A 139 -2.05 3.31 3.82
CA ALA A 139 -3.21 2.58 3.29
C ALA A 139 -3.94 3.40 2.25
N GLU A 140 -3.86 4.73 2.38
CA GLU A 140 -4.48 5.67 1.44
C GLU A 140 -4.02 5.39 0.00
N VAL A 141 -2.80 4.89 -0.14
CA VAL A 141 -2.27 4.57 -1.45
C VAL A 141 -3.13 3.52 -2.17
N LEU A 142 -3.70 2.60 -1.40
CA LEU A 142 -4.52 1.53 -1.96
C LEU A 142 -6.01 1.85 -2.03
N LEU A 143 -6.49 2.65 -1.09
CA LEU A 143 -7.91 2.93 -0.95
C LEU A 143 -8.54 4.31 -1.32
N SER A 144 -7.76 5.39 -1.41
CA SER A 144 -8.39 6.72 -1.65
C SER A 144 -9.23 6.83 -2.92
N GLU A 145 -8.92 6.00 -3.92
CA GLU A 145 -9.63 6.06 -5.18
C GLU A 145 -10.72 5.00 -5.35
N VAL A 146 -11.02 4.26 -4.29
CA VAL A 146 -12.04 3.19 -4.35
C VAL A 146 -13.44 3.62 -4.79
N GLY A 147 -13.97 4.68 -4.20
CA GLY A 147 -15.30 5.12 -4.60
C GLY A 147 -15.38 5.93 -5.88
N GLN A 148 -14.32 5.90 -6.71
CA GLN A 148 -14.28 6.73 -7.93
C GLN A 148 -14.23 5.95 -9.25
N GLY A 149 -14.99 4.85 -9.32
CA GLY A 149 -15.10 4.00 -10.54
C GLY A 149 -13.82 3.39 -11.05
N THR A 150 -12.87 3.19 -10.13
CA THR A 150 -11.56 2.63 -10.43
C THR A 150 -11.44 1.13 -10.25
N VAL A 151 -12.35 0.52 -9.48
CA VAL A 151 -12.33 -0.91 -9.16
C VAL A 151 -13.27 -1.79 -9.98
N ASP A 152 -12.84 -3.04 -10.24
CA ASP A 152 -13.70 -4.04 -10.89
C ASP A 152 -14.34 -4.79 -9.75
N TRP A 153 -15.63 -4.59 -9.56
CA TRP A 153 -16.33 -5.24 -8.48
C TRP A 153 -16.67 -6.67 -8.83
N VAL A 154 -16.62 -7.52 -7.81
CA VAL A 154 -16.89 -8.94 -7.93
C VAL A 154 -17.79 -9.35 -6.76
N PRO A 155 -18.72 -10.31 -6.98
CA PRO A 155 -19.55 -10.72 -5.86
C PRO A 155 -18.75 -11.36 -4.73
N ASN A 156 -19.19 -11.15 -3.48
CA ASN A 156 -18.52 -11.75 -2.33
C ASN A 156 -18.92 -13.24 -2.29
N PHE A 157 -18.60 -13.94 -1.21
CA PHE A 157 -18.86 -15.41 -1.18
C PHE A 157 -20.30 -15.89 -1.30
N ASP A 158 -21.28 -15.06 -0.88
CA ASP A 158 -22.70 -15.45 -0.97
C ASP A 158 -23.53 -14.60 -1.94
N GLY A 159 -22.86 -13.76 -2.72
CA GLY A 159 -23.54 -12.90 -3.70
C GLY A 159 -24.44 -11.77 -3.18
N THR A 160 -24.28 -11.40 -1.92
CA THR A 160 -25.11 -10.35 -1.31
C THR A 160 -24.44 -8.98 -1.30
N LEU A 161 -23.12 -8.95 -1.41
CA LEU A 161 -22.36 -7.71 -1.40
C LEU A 161 -21.33 -7.84 -2.48
N GLN A 162 -20.63 -6.75 -2.72
CA GLN A 162 -19.56 -6.74 -3.70
C GLN A 162 -18.23 -6.42 -3.03
N GLU A 163 -17.15 -6.95 -3.59
CA GLU A 163 -15.80 -6.70 -3.08
C GLU A 163 -14.87 -6.34 -4.23
N PRO A 164 -13.80 -5.59 -3.91
CA PRO A 164 -12.87 -5.22 -4.97
C PRO A 164 -12.02 -6.40 -5.42
N ALA A 165 -11.86 -6.55 -6.73
CA ALA A 165 -11.02 -7.62 -7.32
C ALA A 165 -9.55 -7.25 -7.13
N VAL A 166 -9.27 -5.95 -7.37
CA VAL A 166 -7.95 -5.36 -7.23
C VAL A 166 -8.16 -3.91 -6.78
N LEU A 167 -7.46 -3.49 -5.73
CA LEU A 167 -7.57 -2.12 -5.23
C LEU A 167 -6.82 -1.16 -6.16
N PRO A 168 -7.29 0.09 -6.28
CA PRO A 168 -6.68 1.07 -7.17
C PRO A 168 -5.44 1.70 -6.54
N ALA A 169 -4.37 0.91 -6.45
CA ALA A 169 -3.13 1.38 -5.85
C ALA A 169 -2.48 2.53 -6.63
N ARG A 170 -2.08 3.58 -5.91
CA ARG A 170 -1.45 4.78 -6.52
C ARG A 170 0.07 4.64 -6.71
N LEU A 171 0.63 3.59 -6.13
CA LEU A 171 2.05 3.26 -6.19
C LEU A 171 2.14 1.76 -6.25
N PRO A 172 3.21 1.22 -6.85
CA PRO A 172 3.31 -0.24 -6.97
C PRO A 172 3.62 -1.03 -5.67
N ASN A 173 2.63 -1.11 -4.77
CA ASN A 173 2.73 -1.84 -3.50
C ASN A 173 3.35 -3.25 -3.68
N ILE A 174 3.23 -3.83 -4.87
CA ILE A 174 3.79 -5.17 -5.14
C ILE A 174 5.28 -5.20 -4.86
N LEU A 175 6.02 -4.18 -5.29
CA LEU A 175 7.45 -4.10 -5.03
C LEU A 175 7.74 -3.44 -3.68
N LEU A 176 6.89 -2.50 -3.29
CA LEU A 176 7.11 -1.74 -2.05
C LEU A 176 7.06 -2.65 -0.82
N ASN A 177 6.04 -3.48 -0.72
CA ASN A 177 5.90 -4.41 0.40
C ASN A 177 6.30 -5.83 0.07
N GLY A 178 6.15 -6.22 -1.20
CA GLY A 178 6.52 -7.59 -1.62
C GLY A 178 5.59 -8.62 -1.00
N THR A 179 6.09 -9.83 -0.78
CA THR A 179 5.34 -10.90 -0.15
C THR A 179 5.81 -11.02 1.31
N THR A 180 4.95 -10.56 2.21
CA THR A 180 5.23 -10.54 3.64
C THR A 180 4.68 -11.75 4.40
N GLY A 181 5.42 -12.19 5.42
CA GLY A 181 5.04 -13.33 6.27
C GLY A 181 6.02 -14.49 6.23
N ILE A 182 5.58 -15.63 6.78
CA ILE A 182 6.39 -16.86 6.82
C ILE A 182 6.64 -17.32 5.37
N ALA A 183 7.83 -16.93 4.87
CA ALA A 183 8.25 -17.19 3.47
C ALA A 183 8.59 -18.64 3.08
N VAL A 184 8.86 -19.51 4.05
CA VAL A 184 9.21 -20.92 3.71
C VAL A 184 8.04 -21.66 3.02
N GLY A 185 6.80 -21.34 3.40
CA GLY A 185 5.63 -21.95 2.78
C GLY A 185 5.40 -21.49 1.34
N MET A 186 5.66 -20.20 1.09
CA MET A 186 5.44 -19.58 -0.23
C MET A 186 6.43 -19.95 -1.35
N ALA A 187 5.90 -20.05 -2.56
CA ALA A 187 6.70 -20.34 -3.75
C ALA A 187 7.17 -19.01 -4.32
N THR A 188 6.25 -18.05 -4.34
CA THR A 188 6.52 -16.71 -4.82
C THR A 188 7.08 -15.81 -3.71
N ASP A 189 8.25 -15.22 -3.99
CA ASP A 189 8.94 -14.27 -3.10
C ASP A 189 9.36 -12.99 -3.81
N VAL A 190 8.89 -11.87 -3.30
CA VAL A 190 9.24 -10.58 -3.82
C VAL A 190 9.71 -9.76 -2.64
N PRO A 191 10.96 -9.31 -2.66
CA PRO A 191 11.40 -8.54 -1.51
C PRO A 191 10.82 -7.13 -1.54
N PRO A 192 10.88 -6.41 -0.39
CA PRO A 192 10.38 -5.03 -0.35
C PRO A 192 11.33 -4.07 -1.02
N HIS A 193 10.86 -2.87 -1.33
CA HIS A 193 11.66 -1.86 -1.98
C HIS A 193 11.36 -0.51 -1.39
N ASN A 194 12.20 0.46 -1.73
CA ASN A 194 12.03 1.83 -1.25
C ASN A 194 10.98 2.48 -2.15
N LEU A 195 10.00 3.15 -1.55
CA LEU A 195 8.93 3.80 -2.30
C LEU A 195 9.45 4.87 -3.28
N ARG A 196 10.33 5.74 -2.79
CA ARG A 196 10.88 6.81 -3.63
C ARG A 196 11.73 6.32 -4.79
N GLU A 197 12.50 5.27 -4.57
CA GLU A 197 13.33 4.70 -5.63
C GLU A 197 12.43 4.09 -6.72
N VAL A 198 11.41 3.36 -6.30
CA VAL A 198 10.51 2.72 -7.25
C VAL A 198 9.72 3.77 -8.01
N ALA A 199 9.27 4.81 -7.31
CA ALA A 199 8.52 5.88 -7.97
C ALA A 199 9.36 6.56 -9.07
N SER A 200 10.63 6.82 -8.77
CA SER A 200 11.56 7.46 -9.72
C SER A 200 11.76 6.60 -10.98
N ALA A 201 11.74 5.28 -10.79
CA ALA A 201 11.89 4.34 -11.90
C ALA A 201 10.64 4.38 -12.79
N CYS A 202 9.48 4.62 -12.18
CA CYS A 202 8.24 4.73 -12.94
C CYS A 202 8.32 6.01 -13.79
N VAL A 203 8.74 7.10 -13.17
CA VAL A 203 8.91 8.38 -13.88
C VAL A 203 9.78 8.12 -15.11
N ARG A 204 10.91 7.46 -14.89
CA ARG A 204 11.86 7.10 -15.95
C ARG A 204 11.19 6.35 -17.11
N LEU A 205 10.33 5.37 -16.81
CA LEU A 205 9.63 4.64 -17.87
C LEU A 205 8.62 5.54 -18.59
N LEU A 206 8.00 6.46 -17.85
CA LEU A 206 7.06 7.40 -18.49
C LEU A 206 7.80 8.35 -19.46
N ASP A 207 9.04 8.73 -19.11
CA ASP A 207 9.86 9.61 -19.94
C ASP A 207 10.57 8.84 -21.04
N GLU A 208 11.21 7.73 -20.67
CA GLU A 208 11.93 6.87 -21.60
C GLU A 208 11.26 5.49 -21.59
N PRO A 209 10.20 5.31 -22.41
CA PRO A 209 9.48 4.03 -22.45
C PRO A 209 10.32 2.80 -22.73
N LYS A 210 11.46 2.96 -23.42
CA LYS A 210 12.34 1.82 -23.71
C LYS A 210 13.53 1.69 -22.76
N ALA A 211 13.51 2.44 -21.66
CA ALA A 211 14.60 2.39 -20.67
C ALA A 211 14.89 0.97 -20.25
N THR A 212 16.14 0.56 -20.42
CA THR A 212 16.53 -0.79 -20.04
C THR A 212 16.59 -0.99 -18.52
N ILE A 213 16.64 -2.25 -18.09
CA ILE A 213 16.66 -2.57 -16.66
C ILE A 213 17.83 -1.95 -15.89
N GLU A 214 19.00 -1.83 -16.52
CA GLU A 214 20.13 -1.18 -15.83
C GLU A 214 19.76 0.26 -15.52
N GLN A 215 19.16 0.91 -16.52
CA GLN A 215 18.76 2.30 -16.39
C GLN A 215 17.73 2.44 -15.26
N LEU A 216 16.84 1.45 -15.11
CA LEU A 216 15.86 1.47 -14.04
C LEU A 216 16.58 1.29 -12.70
N CYS A 217 17.68 0.54 -12.73
CA CYS A 217 18.49 0.31 -11.52
C CYS A 217 19.38 1.51 -11.14
N GLU A 218 19.36 2.58 -11.93
CA GLU A 218 20.10 3.79 -11.55
C GLU A 218 19.33 4.45 -10.39
N HIS A 219 18.02 4.17 -10.32
CA HIS A 219 17.13 4.69 -9.28
C HIS A 219 16.86 3.63 -8.20
N ILE A 220 16.43 2.45 -8.62
CA ILE A 220 16.19 1.32 -7.69
C ILE A 220 17.52 0.65 -7.38
N GLN A 221 18.07 0.92 -6.19
CA GLN A 221 19.37 0.32 -5.78
C GLN A 221 19.29 -1.18 -5.56
N GLY A 222 18.11 -1.62 -5.15
CA GLY A 222 17.81 -3.01 -4.87
C GLY A 222 16.72 -3.07 -3.81
N PRO A 223 16.56 -4.23 -3.17
CA PRO A 223 15.58 -4.31 -2.12
C PRO A 223 15.88 -3.35 -0.97
N ASP A 224 14.84 -3.03 -0.20
CA ASP A 224 14.96 -2.13 0.95
C ASP A 224 14.08 -2.75 2.04
N TYR A 225 14.72 -3.49 2.95
CA TYR A 225 14.02 -4.17 4.06
C TYR A 225 13.84 -3.23 5.23
N PRO A 226 12.92 -3.55 6.16
CA PRO A 226 12.68 -2.74 7.37
C PRO A 226 13.68 -3.04 8.48
N THR A 227 14.93 -2.71 8.20
CA THR A 227 16.03 -2.93 9.13
C THR A 227 17.26 -2.19 8.62
N GLU A 228 18.09 -1.74 9.55
CA GLU A 228 19.31 -0.98 9.21
C GLU A 228 20.42 -1.93 8.71
N ALA A 229 20.15 -3.23 8.69
CA ALA A 229 21.11 -4.23 8.24
C ALA A 229 21.46 -4.04 6.79
N GLU A 230 22.64 -4.50 6.42
CA GLU A 230 23.17 -4.32 5.08
C GLU A 230 22.90 -5.45 4.12
N ILE A 231 22.62 -5.08 2.87
CA ILE A 231 22.45 -6.04 1.78
C ILE A 231 23.84 -6.11 1.17
N VAL A 232 24.47 -7.26 1.20
CA VAL A 232 25.84 -7.37 0.65
C VAL A 232 25.92 -8.06 -0.69
N THR A 233 24.79 -8.31 -1.33
CA THR A 233 24.82 -8.91 -2.66
C THR A 233 25.51 -7.91 -3.60
N PRO A 234 26.39 -8.40 -4.48
CA PRO A 234 27.07 -7.46 -5.40
C PRO A 234 26.08 -6.82 -6.39
N ARG A 235 26.38 -5.61 -6.86
CA ARG A 235 25.50 -4.91 -7.80
C ARG A 235 25.21 -5.70 -9.08
N ALA A 236 26.23 -6.43 -9.55
CA ALA A 236 26.11 -7.23 -10.78
C ALA A 236 25.06 -8.34 -10.63
N GLU A 237 24.96 -8.94 -9.44
CA GLU A 237 23.99 -10.03 -9.16
C GLU A 237 22.60 -9.49 -8.89
N ILE A 238 22.54 -8.30 -8.27
CA ILE A 238 21.29 -7.61 -8.01
C ILE A 238 20.67 -7.29 -9.36
N LEU A 239 21.51 -6.83 -10.29
CA LEU A 239 21.07 -6.51 -11.64
C LEU A 239 20.49 -7.74 -12.35
N LYS A 240 21.18 -8.88 -12.30
CA LYS A 240 20.70 -10.12 -12.96
C LYS A 240 19.38 -10.63 -12.36
N MET A 241 19.21 -10.41 -11.06
CA MET A 241 17.99 -10.82 -10.38
C MET A 241 16.80 -10.02 -10.92
N TYR A 242 16.99 -8.72 -11.18
CA TYR A 242 15.91 -7.89 -11.75
C TYR A 242 15.67 -8.21 -13.23
N GLU A 243 16.70 -8.68 -13.93
CA GLU A 243 16.59 -9.05 -15.35
C GLU A 243 15.88 -10.38 -15.50
N SER A 244 16.04 -11.23 -14.49
CA SER A 244 15.52 -12.59 -14.46
C SER A 244 14.20 -12.79 -13.73
N GLY A 245 14.00 -12.07 -12.64
CA GLY A 245 12.82 -12.24 -11.80
C GLY A 245 13.15 -13.24 -10.69
N ARG A 246 14.30 -13.90 -10.80
CA ARG A 246 14.74 -14.91 -9.82
C ARG A 246 16.17 -14.64 -9.37
N GLY A 247 16.44 -14.97 -8.10
CA GLY A 247 17.77 -14.79 -7.53
C GLY A 247 17.83 -14.97 -6.02
N SER A 248 18.83 -14.33 -5.42
CA SER A 248 19.05 -14.42 -3.98
C SER A 248 19.58 -13.10 -3.42
N ILE A 249 19.14 -12.76 -2.21
CA ILE A 249 19.59 -11.55 -1.52
C ILE A 249 20.26 -12.03 -0.26
N ARG A 250 21.40 -11.44 0.06
CA ARG A 250 22.14 -11.79 1.25
C ARG A 250 22.31 -10.55 2.06
N MET A 251 21.81 -10.59 3.30
CA MET A 251 21.89 -9.46 4.22
C MET A 251 22.82 -9.82 5.33
N ARG A 252 23.29 -8.79 6.01
CA ARG A 252 24.27 -8.94 7.05
C ARG A 252 23.97 -7.95 8.20
N ALA A 253 24.02 -8.45 9.45
CA ALA A 253 23.78 -7.61 10.63
C ALA A 253 24.82 -6.52 10.69
N VAL A 254 24.41 -5.39 11.24
CA VAL A 254 25.29 -4.23 11.39
C VAL A 254 25.75 -4.15 12.84
N TYR A 255 27.04 -3.85 13.03
CA TYR A 255 27.59 -3.76 14.37
C TYR A 255 28.54 -2.61 14.52
N ARG A 256 28.77 -2.26 15.78
CA ARG A 256 29.68 -1.22 16.15
C ARG A 256 30.36 -1.75 17.41
N VAL A 257 31.39 -1.05 17.86
CA VAL A 257 32.11 -1.44 19.07
C VAL A 257 31.97 -0.30 20.06
N GLU A 258 31.70 -0.62 21.32
CA GLU A 258 31.64 0.42 22.34
C GLU A 258 32.14 -0.17 23.65
N ASP A 259 33.22 0.43 24.18
CA ASP A 259 33.90 -0.03 25.40
C ASP A 259 34.48 -1.45 25.24
N GLY A 260 34.98 -1.74 24.04
CA GLY A 260 35.56 -3.04 23.75
C GLY A 260 34.57 -4.16 23.43
N ASP A 261 33.28 -3.94 23.69
CA ASP A 261 32.23 -4.94 23.43
C ASP A 261 31.63 -4.71 22.05
N ILE A 262 31.35 -5.79 21.33
CA ILE A 262 30.75 -5.70 20.01
C ILE A 262 29.27 -5.57 20.24
N VAL A 263 28.64 -4.58 19.60
CA VAL A 263 27.21 -4.36 19.75
C VAL A 263 26.56 -4.45 18.37
N VAL A 264 25.71 -5.46 18.19
CA VAL A 264 24.99 -5.65 16.94
C VAL A 264 23.74 -4.81 17.13
N THR A 265 23.55 -3.80 16.27
CA THR A 265 22.42 -2.87 16.39
C THR A 265 21.23 -3.17 15.48
N ALA A 266 21.42 -4.02 14.48
CA ALA A 266 20.34 -4.36 13.55
C ALA A 266 20.61 -5.71 12.91
N LEU A 267 19.58 -6.55 12.89
CA LEU A 267 19.69 -7.89 12.33
C LEU A 267 19.04 -7.99 10.95
N PRO A 268 19.39 -9.04 10.20
CA PRO A 268 18.75 -9.24 8.91
C PRO A 268 17.24 -9.42 9.08
N HIS A 269 16.49 -9.24 8.01
CA HIS A 269 15.04 -9.31 8.06
C HIS A 269 14.51 -10.63 8.65
N GLN A 270 13.60 -10.50 9.63
CA GLN A 270 12.98 -11.64 10.33
C GLN A 270 13.92 -12.59 11.10
N VAL A 271 15.18 -12.19 11.32
CA VAL A 271 16.11 -13.01 12.08
C VAL A 271 15.89 -12.75 13.56
N SER A 272 15.76 -13.83 14.33
CA SER A 272 15.55 -13.74 15.76
C SER A 272 16.86 -13.49 16.46
N GLY A 273 16.91 -12.43 17.25
CA GLY A 273 18.10 -12.11 18.03
C GLY A 273 18.39 -13.24 19.00
N ALA A 274 17.33 -13.82 19.57
CA ALA A 274 17.47 -14.92 20.52
C ALA A 274 18.05 -16.16 19.85
N LYS A 275 17.65 -16.43 18.61
CA LYS A 275 18.16 -17.59 17.88
C LYS A 275 19.66 -17.42 17.61
N VAL A 276 20.07 -16.18 17.32
CA VAL A 276 21.48 -15.90 17.05
C VAL A 276 22.29 -16.22 18.30
N LEU A 277 21.79 -15.84 19.48
CA LEU A 277 22.51 -16.15 20.71
C LEU A 277 22.61 -17.65 20.96
N GLU A 278 21.57 -18.41 20.63
CA GLU A 278 21.64 -19.87 20.79
C GLU A 278 22.75 -20.43 19.91
N GLN A 279 22.87 -19.89 18.69
CA GLN A 279 23.88 -20.35 17.73
C GLN A 279 25.30 -20.06 18.17
N ILE A 280 25.53 -18.85 18.69
CA ILE A 280 26.86 -18.46 19.17
C ILE A 280 27.16 -19.29 20.40
N ALA A 281 26.19 -19.38 21.30
CA ALA A 281 26.38 -20.16 22.54
C ALA A 281 26.73 -21.60 22.21
N ALA A 282 26.09 -22.18 21.21
CA ALA A 282 26.36 -23.57 20.80
C ALA A 282 27.81 -23.72 20.33
N GLN A 283 28.33 -22.71 19.61
CA GLN A 283 29.74 -22.74 19.17
C GLN A 283 30.68 -22.64 20.36
N MET A 284 30.29 -21.86 21.38
CA MET A 284 31.10 -21.73 22.59
C MET A 284 31.22 -23.10 23.28
N GLN A 285 30.15 -23.89 23.22
CA GLN A 285 30.12 -25.23 23.82
C GLN A 285 31.05 -26.17 23.07
N ALA A 286 31.16 -25.98 21.75
CA ALA A 286 32.02 -26.80 20.90
C ALA A 286 33.48 -26.31 20.83
N LYS A 287 33.88 -25.41 21.74
CA LYS A 287 35.23 -24.84 21.79
C LYS A 287 35.65 -24.12 20.49
N LYS A 288 34.70 -23.56 19.76
CA LYS A 288 35.01 -22.87 18.50
C LYS A 288 35.20 -21.37 18.68
N LEU A 289 34.77 -20.83 19.84
CA LEU A 289 34.88 -19.40 20.12
C LEU A 289 35.60 -19.10 21.44
N PRO A 290 36.90 -19.42 21.53
CA PRO A 290 37.66 -19.11 22.74
C PRO A 290 37.83 -17.59 22.92
N MET A 291 37.63 -16.83 21.84
CA MET A 291 37.76 -15.37 21.90
C MET A 291 36.48 -14.72 22.42
N VAL A 292 35.38 -15.48 22.47
CA VAL A 292 34.11 -14.94 22.99
C VAL A 292 33.95 -15.31 24.47
N ALA A 293 33.69 -14.29 25.29
CA ALA A 293 33.57 -14.44 26.73
C ALA A 293 32.15 -14.60 27.22
N ASP A 294 31.25 -13.77 26.69
CA ASP A 294 29.85 -13.75 27.13
C ASP A 294 28.98 -13.10 26.04
N LEU A 295 27.68 -13.29 26.16
CA LEU A 295 26.69 -12.75 25.23
C LEU A 295 25.59 -12.18 26.09
N ARG A 296 24.98 -11.09 25.66
CA ARG A 296 23.88 -10.47 26.39
C ARG A 296 22.87 -9.84 25.44
N ASP A 297 21.58 -10.12 25.67
CA ASP A 297 20.50 -9.52 24.87
C ASP A 297 20.05 -8.31 25.68
N GLU A 298 20.44 -7.11 25.22
CA GLU A 298 20.11 -5.86 25.93
C GLU A 298 19.06 -5.01 25.22
N SER A 299 18.30 -5.63 24.32
CA SER A 299 17.23 -4.92 23.60
C SER A 299 16.08 -4.66 24.59
N ASP A 300 15.52 -3.45 24.53
CA ASP A 300 14.41 -3.07 25.43
C ASP A 300 13.19 -2.59 24.64
N HIS A 301 12.22 -2.00 25.35
CA HIS A 301 10.98 -1.48 24.72
C HIS A 301 11.27 -0.69 23.43
N GLU A 302 12.00 0.43 23.59
CA GLU A 302 12.32 1.32 22.47
C GLU A 302 13.49 0.90 21.56
N ASN A 303 14.45 0.12 22.10
CA ASN A 303 15.63 -0.34 21.31
C ASN A 303 15.39 -1.82 20.93
N PRO A 304 14.80 -2.07 19.74
CA PRO A 304 14.43 -3.43 19.32
C PRO A 304 15.55 -4.46 19.19
N CYS A 305 16.74 -4.03 18.76
CA CYS A 305 17.87 -4.95 18.63
C CYS A 305 19.15 -4.40 19.23
N ARG A 306 19.69 -5.15 20.18
CA ARG A 306 20.95 -4.81 20.85
C ARG A 306 21.51 -6.08 21.47
N ILE A 307 22.29 -6.80 20.67
CA ILE A 307 22.92 -8.04 21.06
C ILE A 307 24.39 -7.72 21.26
N VAL A 308 24.89 -7.95 22.47
CA VAL A 308 26.27 -7.66 22.80
C VAL A 308 27.11 -8.91 22.86
N ILE A 309 28.14 -8.97 22.03
CA ILE A 309 29.09 -10.07 21.99
C ILE A 309 30.28 -9.48 22.71
N ILE A 310 30.65 -10.11 23.82
CA ILE A 310 31.75 -9.64 24.63
C ILE A 310 33.01 -10.47 24.36
N PRO A 311 34.05 -9.84 23.78
CA PRO A 311 35.26 -10.58 23.49
C PRO A 311 36.08 -10.82 24.76
N ARG A 312 36.94 -11.82 24.68
CA ARG A 312 37.78 -12.20 25.81
C ARG A 312 38.71 -11.07 26.23
N SER A 313 39.15 -10.25 25.27
CA SER A 313 40.04 -9.13 25.57
C SER A 313 40.03 -8.11 24.45
N ASN A 314 40.52 -6.91 24.76
CA ASN A 314 40.60 -5.85 23.77
C ASN A 314 41.65 -6.18 22.68
N ARG A 315 42.31 -7.33 22.81
CA ARG A 315 43.28 -7.80 21.82
C ARG A 315 42.67 -8.75 20.78
N VAL A 316 41.38 -9.05 20.92
CA VAL A 316 40.67 -9.94 19.99
C VAL A 316 40.34 -9.21 18.69
N ASP A 317 40.62 -9.87 17.56
CA ASP A 317 40.35 -9.29 16.26
C ASP A 317 38.85 -9.37 16.02
N VAL A 318 38.20 -8.22 16.13
CA VAL A 318 36.76 -8.08 15.97
C VAL A 318 36.27 -8.42 14.58
N ASP A 319 36.86 -7.80 13.56
CA ASP A 319 36.43 -8.07 12.17
C ASP A 319 36.65 -9.52 11.74
N GLU A 320 37.69 -10.17 12.26
CA GLU A 320 37.95 -11.59 11.95
C GLU A 320 36.89 -12.48 12.64
N LEU A 321 36.51 -12.12 13.87
CA LEU A 321 35.46 -12.85 14.63
C LEU A 321 34.10 -12.73 13.97
N MET A 322 33.71 -11.51 13.62
CA MET A 322 32.42 -11.28 12.98
C MET A 322 32.33 -11.96 11.62
N GLN A 323 33.40 -11.92 10.83
CA GLN A 323 33.39 -12.61 9.53
C GLN A 323 33.02 -14.07 9.75
N HIS A 324 33.55 -14.67 10.81
CA HIS A 324 33.28 -16.06 11.15
C HIS A 324 31.83 -16.23 11.57
N LEU A 325 31.30 -15.30 12.36
CA LEU A 325 29.91 -15.39 12.81
C LEU A 325 28.96 -15.19 11.63
N PHE A 326 29.29 -14.30 10.71
CA PHE A 326 28.44 -14.10 9.54
C PHE A 326 28.37 -15.40 8.72
N ALA A 327 29.49 -16.08 8.57
CA ALA A 327 29.51 -17.32 7.79
C ALA A 327 28.86 -18.51 8.51
N THR A 328 28.79 -18.44 9.84
CA THR A 328 28.26 -19.55 10.64
C THR A 328 26.98 -19.32 11.46
N THR A 329 26.35 -18.16 11.36
CA THR A 329 25.11 -17.89 12.12
C THR A 329 24.12 -17.09 11.29
N ASP A 330 22.95 -16.84 11.87
CA ASP A 330 21.91 -16.06 11.20
C ASP A 330 22.25 -14.55 11.13
N LEU A 331 23.41 -14.13 11.69
CA LEU A 331 23.81 -12.73 11.58
C LEU A 331 23.98 -12.36 10.10
N GLU A 332 24.14 -13.39 9.26
CA GLU A 332 24.16 -13.21 7.81
C GLU A 332 23.19 -14.28 7.34
N SER A 333 22.06 -13.84 6.79
CA SER A 333 21.02 -14.73 6.31
C SER A 333 20.71 -14.40 4.83
N THR A 334 20.10 -15.33 4.09
CA THR A 334 19.75 -15.14 2.67
C THR A 334 18.24 -15.16 2.45
N TYR A 335 17.81 -14.60 1.32
CA TYR A 335 16.39 -14.49 1.00
C TYR A 335 16.20 -14.82 -0.48
N ARG A 336 15.14 -15.55 -0.81
CA ARG A 336 14.88 -15.95 -2.18
C ARG A 336 14.04 -14.93 -2.93
N VAL A 337 14.17 -14.95 -4.25
CA VAL A 337 13.41 -14.09 -5.10
C VAL A 337 12.85 -14.95 -6.23
N ASN A 338 11.58 -14.76 -6.51
CA ASN A 338 10.87 -15.49 -7.53
C ASN A 338 9.61 -14.66 -7.80
N VAL A 339 9.74 -13.64 -8.64
CA VAL A 339 8.62 -12.72 -8.93
C VAL A 339 7.63 -13.34 -9.93
N ASN A 340 7.01 -14.45 -9.51
CA ASN A 340 6.00 -15.17 -10.29
C ASN A 340 4.66 -14.70 -9.74
N ILE A 341 4.13 -13.63 -10.33
CA ILE A 341 2.89 -13.03 -9.86
C ILE A 341 1.80 -13.04 -10.92
N ILE A 342 0.60 -12.61 -10.52
CA ILE A 342 -0.56 -12.54 -11.39
C ILE A 342 -0.60 -11.18 -12.05
N GLY A 343 -0.67 -11.17 -13.39
CA GLY A 343 -0.72 -9.93 -14.16
C GLY A 343 -2.12 -9.42 -14.42
N LEU A 344 -2.22 -8.38 -15.25
CA LEU A 344 -3.50 -7.79 -15.59
C LEU A 344 -4.35 -8.74 -16.44
N ASP A 345 -3.69 -9.62 -17.20
CA ASP A 345 -4.41 -10.60 -18.01
C ASP A 345 -4.90 -11.80 -17.18
N GLY A 346 -4.73 -11.73 -15.84
CA GLY A 346 -5.21 -12.77 -14.93
C GLY A 346 -4.36 -14.03 -14.80
N ARG A 347 -3.33 -14.15 -15.63
CA ARG A 347 -2.48 -15.32 -15.59
C ARG A 347 -1.12 -15.00 -14.98
N PRO A 348 -0.51 -16.00 -14.33
CA PRO A 348 0.77 -15.79 -13.71
C PRO A 348 1.89 -15.62 -14.73
N GLN A 349 2.99 -15.06 -14.26
CA GLN A 349 4.17 -14.84 -15.08
C GLN A 349 5.37 -14.51 -14.20
N LEU A 350 6.53 -15.06 -14.59
CA LEU A 350 7.77 -14.75 -13.91
C LEU A 350 8.16 -13.43 -14.54
N LYS A 351 7.91 -12.34 -13.82
CA LYS A 351 8.14 -10.99 -14.34
C LYS A 351 9.40 -10.30 -13.86
N ASN A 352 10.22 -9.86 -14.81
CA ASN A 352 11.44 -9.13 -14.49
C ASN A 352 11.02 -7.69 -14.18
N LEU A 353 11.94 -6.91 -13.63
CA LEU A 353 11.63 -5.53 -13.20
C LEU A 353 11.03 -4.65 -14.25
N ARG A 354 11.53 -4.75 -15.48
CA ARG A 354 11.00 -3.92 -16.56
C ARG A 354 9.58 -4.36 -16.91
N THR A 355 9.42 -5.65 -17.18
CA THR A 355 8.14 -6.23 -17.54
C THR A 355 7.11 -5.80 -16.49
N LEU A 356 7.46 -5.97 -15.21
CA LEU A 356 6.59 -5.61 -14.10
C LEU A 356 6.18 -4.12 -14.07
N LEU A 357 7.17 -3.22 -14.10
CA LEU A 357 6.84 -1.78 -14.02
C LEU A 357 6.10 -1.24 -15.24
N VAL A 358 6.46 -1.69 -16.44
CA VAL A 358 5.73 -1.26 -17.66
C VAL A 358 4.26 -1.66 -17.53
N GLU A 359 4.04 -2.88 -17.02
CA GLU A 359 2.68 -3.40 -16.83
C GLU A 359 1.99 -2.66 -15.69
N TRP A 360 2.71 -2.34 -14.60
CA TRP A 360 2.07 -1.61 -13.52
C TRP A 360 1.66 -0.21 -14.00
N LEU A 361 2.50 0.43 -14.80
CA LEU A 361 2.15 1.76 -15.34
C LEU A 361 0.92 1.71 -16.24
N GLU A 362 0.73 0.57 -16.90
CA GLU A 362 -0.43 0.36 -17.77
C GLU A 362 -1.66 0.26 -16.87
N PHE A 363 -1.50 -0.40 -15.72
CA PHE A 363 -2.58 -0.54 -14.74
C PHE A 363 -2.89 0.83 -14.13
N ARG A 364 -1.83 1.59 -13.82
CA ARG A 364 -2.02 2.91 -13.21
C ARG A 364 -2.71 3.88 -14.15
N THR A 365 -2.26 3.99 -15.40
CA THR A 365 -2.91 4.88 -16.37
C THR A 365 -4.39 4.43 -16.58
N ASN A 366 -4.65 3.12 -16.70
CA ASN A 366 -6.03 2.63 -16.86
C ASN A 366 -6.87 3.10 -15.69
N THR A 367 -6.32 2.98 -14.49
CA THR A 367 -6.99 3.40 -13.24
C THR A 367 -7.29 4.90 -13.25
N VAL A 368 -6.28 5.71 -13.54
CA VAL A 368 -6.47 7.16 -13.59
C VAL A 368 -7.48 7.53 -14.68
N ARG A 369 -7.45 6.82 -15.81
CA ARG A 369 -8.41 7.10 -16.90
C ARG A 369 -9.85 6.89 -16.41
N ARG A 370 -10.08 5.85 -15.62
CA ARG A 370 -11.45 5.58 -15.13
C ARG A 370 -11.82 6.55 -14.04
N ARG A 371 -10.83 7.01 -13.28
CA ARG A 371 -11.08 7.96 -12.22
C ARG A 371 -11.54 9.30 -12.81
N LEU A 372 -10.95 9.68 -13.93
CA LEU A 372 -11.32 10.90 -14.61
C LEU A 372 -12.67 10.70 -15.28
N GLN A 373 -12.84 9.59 -15.99
CA GLN A 373 -14.11 9.30 -16.65
C GLN A 373 -15.23 9.35 -15.62
N HIS A 374 -15.01 8.71 -14.48
CA HIS A 374 -15.99 8.68 -13.40
C HIS A 374 -16.39 10.08 -12.95
N ARG A 375 -15.39 10.94 -12.77
CA ARG A 375 -15.65 12.29 -12.33
C ARG A 375 -16.42 13.07 -13.41
N LEU A 376 -15.99 12.93 -14.67
CA LEU A 376 -16.63 13.62 -15.80
C LEU A 376 -18.13 13.32 -15.84
N ASP A 377 -18.50 12.09 -15.51
CA ASP A 377 -19.90 11.70 -15.50
C ASP A 377 -20.64 12.44 -14.40
N LYS A 378 -20.04 12.54 -13.21
CA LYS A 378 -20.68 13.25 -12.11
C LYS A 378 -20.76 14.74 -12.37
N VAL A 379 -19.83 15.27 -13.15
CA VAL A 379 -19.84 16.69 -13.51
C VAL A 379 -21.00 16.93 -14.49
N GLU A 380 -21.12 16.06 -15.48
CA GLU A 380 -22.19 16.17 -16.48
C GLU A 380 -23.61 15.94 -15.93
N LYS A 381 -23.75 15.07 -14.93
CA LYS A 381 -25.06 14.88 -14.28
C LYS A 381 -25.39 16.13 -13.49
N ARG A 382 -24.36 16.72 -12.89
CA ARG A 382 -24.49 17.92 -12.07
C ARG A 382 -24.83 19.14 -12.93
N LEU A 383 -24.26 19.20 -14.13
CA LEU A 383 -24.59 20.29 -15.05
C LEU A 383 -26.04 20.19 -15.50
N HIS A 384 -26.52 18.97 -15.67
CA HIS A 384 -27.89 18.71 -16.10
C HIS A 384 -28.85 19.18 -15.02
N LEU A 385 -28.49 18.97 -13.75
CA LEU A 385 -29.34 19.41 -12.62
C LEU A 385 -29.34 20.93 -12.45
N LEU A 386 -28.19 21.56 -12.68
CA LEU A 386 -28.09 23.01 -12.59
C LEU A 386 -28.85 23.68 -13.73
N ASP A 387 -28.76 23.12 -14.93
CA ASP A 387 -29.49 23.63 -16.09
C ASP A 387 -31.00 23.66 -15.77
N GLY A 388 -31.46 22.65 -15.03
CA GLY A 388 -32.85 22.57 -14.60
C GLY A 388 -33.14 23.50 -13.44
N LEU A 389 -32.25 23.50 -12.45
CA LEU A 389 -32.39 24.34 -11.25
C LEU A 389 -32.40 25.83 -11.60
N LEU A 390 -31.58 26.21 -12.59
CA LEU A 390 -31.51 27.61 -13.03
C LEU A 390 -32.87 28.06 -13.58
N THR A 391 -33.38 27.30 -14.54
CA THR A 391 -34.69 27.56 -15.14
C THR A 391 -35.74 27.72 -14.05
N ALA A 392 -35.71 26.83 -13.06
CA ALA A 392 -36.65 26.91 -11.94
C ALA A 392 -36.44 28.17 -11.11
N PHE A 393 -35.19 28.59 -10.95
CA PHE A 393 -34.95 29.80 -10.17
C PHE A 393 -35.43 31.03 -10.96
N LEU A 394 -35.16 31.04 -12.26
CA LEU A 394 -35.58 32.15 -13.12
C LEU A 394 -37.10 32.28 -13.22
N ASN A 395 -37.84 31.17 -13.04
CA ASN A 395 -39.31 31.19 -13.08
C ASN A 395 -39.84 30.68 -11.74
N LEU A 396 -39.19 31.09 -10.64
CA LEU A 396 -39.54 30.59 -9.30
C LEU A 396 -40.93 30.93 -8.79
N ASP A 397 -41.41 32.15 -9.03
CA ASP A 397 -42.76 32.56 -8.60
C ASP A 397 -43.76 31.57 -9.16
N GLU A 398 -43.66 31.32 -10.47
CA GLU A 398 -44.53 30.40 -11.17
C GLU A 398 -44.30 28.94 -10.77
N VAL A 399 -43.05 28.56 -10.53
CA VAL A 399 -42.74 27.18 -10.12
C VAL A 399 -43.44 26.84 -8.79
N ILE A 400 -43.36 27.74 -7.81
CA ILE A 400 -44.01 27.55 -6.52
C ILE A 400 -45.55 27.54 -6.67
N HIS A 401 -46.06 28.34 -7.62
CA HIS A 401 -47.51 28.34 -7.87
C HIS A 401 -47.91 26.98 -8.43
N ILE A 402 -47.20 26.50 -9.45
CA ILE A 402 -47.44 25.18 -10.08
C ILE A 402 -47.37 24.07 -9.02
N ILE A 403 -46.41 24.17 -8.11
CA ILE A 403 -46.24 23.18 -7.05
C ILE A 403 -47.39 23.18 -6.03
N ARG A 404 -47.93 24.37 -5.72
CA ARG A 404 -49.03 24.48 -4.75
C ARG A 404 -50.42 24.27 -5.33
N THR A 405 -50.58 24.47 -6.64
CA THR A 405 -51.90 24.38 -7.27
C THR A 405 -51.95 23.62 -8.61
N GLU A 406 -51.66 22.32 -8.57
CA GLU A 406 -51.72 21.42 -9.75
C GLU A 406 -51.90 20.00 -9.30
N GLU A 407 -52.84 19.30 -9.92
CA GLU A 407 -53.12 17.91 -9.60
C GLU A 407 -51.84 17.07 -9.78
N TYR A 408 -51.13 17.31 -10.89
CA TYR A 408 -49.86 16.61 -11.18
C TYR A 408 -48.74 17.67 -11.28
N PRO A 409 -48.03 17.95 -10.15
CA PRO A 409 -47.00 18.99 -10.19
C PRO A 409 -45.78 18.65 -11.03
N LYS A 410 -45.21 17.46 -10.83
CA LYS A 410 -44.02 17.01 -11.60
C LYS A 410 -44.29 17.00 -13.10
N GLN A 411 -45.39 16.37 -13.50
CA GLN A 411 -45.75 16.26 -14.91
C GLN A 411 -46.16 17.62 -15.53
N ALA A 412 -46.43 18.61 -14.69
CA ALA A 412 -46.80 19.97 -15.15
C ALA A 412 -45.55 20.82 -15.39
N LEU A 413 -44.55 20.68 -14.53
CA LEU A 413 -43.29 21.40 -14.70
C LEU A 413 -42.56 20.89 -15.95
N ILE A 414 -42.64 19.58 -16.19
CA ILE A 414 -42.02 18.93 -17.35
C ILE A 414 -42.58 19.48 -18.67
N GLU A 415 -43.89 19.69 -18.71
CA GLU A 415 -44.53 20.22 -19.91
C GLU A 415 -44.32 21.73 -20.04
N ARG A 416 -44.36 22.44 -18.92
CA ARG A 416 -44.18 23.89 -18.95
C ARG A 416 -42.75 24.35 -19.31
N PHE A 417 -41.79 24.04 -18.45
CA PHE A 417 -40.40 24.46 -18.64
C PHE A 417 -39.48 23.50 -19.43
N GLU A 418 -40.06 22.49 -20.10
CA GLU A 418 -39.29 21.51 -20.91
C GLU A 418 -38.11 20.92 -20.13
N LEU A 419 -38.45 20.27 -19.02
CA LEU A 419 -37.47 19.65 -18.13
C LEU A 419 -37.51 18.14 -18.25
N THR A 420 -36.37 17.51 -17.97
CA THR A 420 -36.27 16.07 -17.97
C THR A 420 -36.83 15.66 -16.62
N GLU A 421 -37.16 14.38 -16.48
CA GLU A 421 -37.69 13.89 -15.22
C GLU A 421 -36.69 14.06 -14.09
N ILE A 422 -35.42 13.85 -14.39
CA ILE A 422 -34.35 13.97 -13.40
C ILE A 422 -34.31 15.39 -12.84
N GLN A 423 -34.42 16.38 -13.72
CA GLN A 423 -34.40 17.80 -13.32
C GLN A 423 -35.60 18.13 -12.46
N ALA A 424 -36.76 17.61 -12.87
CA ALA A 424 -38.01 17.84 -12.15
C ALA A 424 -37.99 17.26 -10.73
N ASP A 425 -37.45 16.05 -10.58
CA ASP A 425 -37.36 15.43 -9.24
C ASP A 425 -36.47 16.26 -8.34
N TYR A 426 -35.30 16.62 -8.87
CA TYR A 426 -34.34 17.40 -8.08
C TYR A 426 -34.91 18.74 -7.59
N ILE A 427 -35.76 19.37 -8.41
CA ILE A 427 -36.40 20.63 -8.03
C ILE A 427 -37.37 20.37 -6.88
N LEU A 428 -38.21 19.35 -7.03
CA LEU A 428 -39.21 18.96 -6.02
C LEU A 428 -38.61 18.42 -4.72
N GLU A 429 -37.38 17.91 -4.77
CA GLU A 429 -36.71 17.42 -3.55
C GLU A 429 -36.20 18.61 -2.72
N THR A 430 -36.04 19.76 -3.37
CA THR A 430 -35.53 20.96 -2.70
C THR A 430 -36.31 21.31 -1.44
N ARG A 431 -35.59 21.45 -0.34
CA ARG A 431 -36.21 21.81 0.93
C ARG A 431 -36.40 23.32 0.99
N LEU A 432 -37.22 23.78 1.93
CA LEU A 432 -37.46 25.22 2.09
C LEU A 432 -36.24 25.97 2.62
N ARG A 433 -35.40 25.32 3.43
CA ARG A 433 -34.16 25.98 3.91
C ARG A 433 -33.19 26.13 2.73
N GLN A 434 -33.15 25.12 1.86
CA GLN A 434 -32.31 25.12 0.65
C GLN A 434 -32.88 26.09 -0.39
N LEU A 435 -34.18 26.38 -0.30
CA LEU A 435 -34.83 27.34 -1.20
C LEU A 435 -34.43 28.75 -0.82
N ALA A 436 -34.16 28.97 0.47
CA ALA A 436 -33.74 30.28 0.98
C ALA A 436 -32.35 30.66 0.48
N ARG A 437 -31.46 29.68 0.37
CA ARG A 437 -30.07 29.90 -0.07
C ARG A 437 -29.87 29.98 -1.60
N LEU A 438 -30.89 29.63 -2.39
CA LEU A 438 -30.76 29.71 -3.84
C LEU A 438 -30.58 31.16 -4.29
N GLU A 439 -29.51 31.40 -5.02
CA GLU A 439 -29.19 32.71 -5.56
C GLU A 439 -28.70 32.48 -6.98
N GLU A 440 -29.29 33.18 -7.95
CA GLU A 440 -28.95 33.04 -9.37
C GLU A 440 -27.46 33.00 -9.65
N MET A 441 -26.68 33.86 -8.98
CA MET A 441 -25.23 33.90 -9.20
C MET A 441 -24.49 32.67 -8.66
N LYS A 442 -24.96 32.08 -7.56
CA LYS A 442 -24.32 30.86 -7.03
C LYS A 442 -24.54 29.66 -7.97
N ILE A 443 -25.71 29.65 -8.63
CA ILE A 443 -26.05 28.61 -9.58
C ILE A 443 -25.23 28.77 -10.88
N ARG A 444 -25.11 29.99 -11.38
CA ARG A 444 -24.29 30.24 -12.59
C ARG A 444 -22.79 30.14 -12.28
N GLY A 445 -22.40 30.40 -11.03
CA GLY A 445 -21.00 30.34 -10.59
C GLY A 445 -20.48 28.92 -10.54
N GLU A 446 -21.31 28.03 -9.97
CA GLU A 446 -20.96 26.62 -9.91
C GLU A 446 -21.04 26.05 -11.32
N GLN A 447 -21.94 26.60 -12.13
CA GLN A 447 -22.13 26.15 -13.51
C GLN A 447 -20.88 26.49 -14.36
N ASP A 448 -20.19 27.59 -14.03
CA ASP A 448 -18.97 27.99 -14.74
C ASP A 448 -17.84 27.04 -14.35
N GLU A 449 -17.63 26.89 -13.05
CA GLU A 449 -16.58 26.00 -12.53
C GLU A 449 -16.65 24.62 -13.15
N LEU A 450 -17.85 24.05 -13.16
CA LEU A 450 -18.08 22.71 -13.72
C LEU A 450 -17.84 22.65 -15.23
N LEU A 451 -18.21 23.71 -15.96
CA LEU A 451 -17.98 23.72 -17.42
C LEU A 451 -16.49 23.74 -17.74
N LYS A 452 -15.67 24.35 -16.87
CA LYS A 452 -14.20 24.39 -17.08
C LYS A 452 -13.53 23.12 -16.55
N GLU A 453 -14.06 22.56 -15.46
CA GLU A 453 -13.55 21.29 -14.96
C GLU A 453 -13.88 20.21 -16.01
N GLN A 454 -15.03 20.36 -16.69
CA GLN A 454 -15.45 19.45 -17.77
C GLN A 454 -14.48 19.53 -18.95
N ALA A 455 -14.02 20.75 -19.26
CA ALA A 455 -13.07 20.97 -20.36
C ALA A 455 -11.71 20.33 -20.06
N LYS A 456 -11.28 20.46 -18.81
CA LYS A 456 -10.01 19.89 -18.33
C LYS A 456 -10.02 18.37 -18.48
N LEU A 457 -11.12 17.74 -18.03
CA LEU A 457 -11.28 16.29 -18.08
C LEU A 457 -11.34 15.70 -19.49
N GLN A 458 -11.95 16.42 -20.42
CA GLN A 458 -12.03 15.97 -21.82
C GLN A 458 -10.64 16.05 -22.48
N ALA A 459 -9.86 17.07 -22.09
CA ALA A 459 -8.49 17.27 -22.60
C ALA A 459 -7.56 16.16 -22.10
N LEU A 460 -7.74 15.76 -20.84
CA LEU A 460 -6.94 14.68 -20.27
C LEU A 460 -7.31 13.34 -20.90
N LEU A 461 -8.60 13.09 -21.10
CA LEU A 461 -9.06 11.85 -21.73
C LEU A 461 -8.87 11.88 -23.24
N GLY A 462 -8.63 13.07 -23.81
CA GLY A 462 -8.45 13.25 -25.25
C GLY A 462 -7.09 12.90 -25.84
N SER A 463 -6.10 12.66 -24.97
CA SER A 463 -4.74 12.32 -25.43
C SER A 463 -3.98 11.52 -24.38
N GLU A 464 -3.10 10.66 -24.85
CA GLU A 464 -2.28 9.85 -23.98
C GLU A 464 -1.24 10.76 -23.29
N ALA A 465 -0.73 11.73 -24.05
CA ALA A 465 0.29 12.67 -23.56
C ALA A 465 -0.11 13.43 -22.29
N LYS A 466 -1.38 13.84 -22.19
CA LYS A 466 -1.82 14.57 -21.00
C LYS A 466 -2.07 13.66 -19.80
N LEU A 467 -2.53 12.43 -20.04
CA LEU A 467 -2.68 11.43 -18.95
C LEU A 467 -1.32 11.21 -18.32
N ARG A 468 -0.36 10.83 -19.17
CA ARG A 468 1.01 10.55 -18.77
C ARG A 468 1.54 11.60 -17.80
N LYS A 469 1.41 12.89 -18.14
CA LYS A 469 1.90 13.94 -17.23
C LYS A 469 1.16 13.97 -15.91
N LEU A 470 -0.14 13.66 -15.94
CA LEU A 470 -0.90 13.62 -14.71
C LEU A 470 -0.40 12.44 -13.85
N VAL A 471 -0.24 11.28 -14.48
CA VAL A 471 0.25 10.07 -13.79
C VAL A 471 1.61 10.41 -13.18
N ARG A 472 2.52 10.95 -14.01
CA ARG A 472 3.86 11.37 -13.57
C ARG A 472 3.77 12.34 -12.40
N SER A 473 2.89 13.34 -12.52
CA SER A 473 2.71 14.35 -11.48
C SER A 473 2.27 13.71 -10.16
N GLU A 474 1.32 12.78 -10.24
CA GLU A 474 0.83 12.08 -9.03
C GLU A 474 1.85 11.10 -8.45
N LEU A 475 2.60 10.42 -9.31
CA LEU A 475 3.66 9.51 -8.82
C LEU A 475 4.65 10.28 -7.95
N ILE A 476 4.96 11.51 -8.35
CA ILE A 476 5.92 12.38 -7.64
C ILE A 476 5.39 12.97 -6.33
N LYS A 477 4.12 13.41 -6.31
CA LYS A 477 3.49 13.95 -5.10
C LYS A 477 3.34 12.84 -4.08
N ASP A 478 2.79 11.72 -4.54
CA ASP A 478 2.56 10.54 -3.72
C ASP A 478 3.86 10.05 -3.09
N ALA A 479 4.94 10.08 -3.88
CA ALA A 479 6.25 9.66 -3.39
C ALA A 479 6.74 10.58 -2.28
N GLU A 480 6.48 11.86 -2.45
CA GLU A 480 6.85 12.86 -1.44
C GLU A 480 6.02 12.66 -0.17
N THR A 481 4.73 12.42 -0.36
CA THR A 481 3.81 12.26 0.75
C THR A 481 4.05 11.01 1.57
N TYR A 482 4.10 9.85 0.90
CA TYR A 482 4.22 8.56 1.58
C TYR A 482 5.61 7.95 1.71
N GLY A 483 6.59 8.49 0.99
CA GLY A 483 7.95 7.95 1.00
C GLY A 483 8.82 8.24 2.20
N ASP A 484 9.91 7.48 2.29
CA ASP A 484 10.92 7.60 3.35
C ASP A 484 12.31 7.22 2.85
N ASP A 485 13.31 7.51 3.69
CA ASP A 485 14.70 7.19 3.36
C ASP A 485 14.91 5.70 3.33
N ARG A 486 15.91 5.28 2.58
CA ARG A 486 16.30 3.87 2.52
C ARG A 486 16.75 3.47 3.93
N ARG A 487 16.41 2.24 4.32
CA ARG A 487 16.80 1.76 5.63
C ARG A 487 17.93 0.77 5.52
N SER A 488 17.76 -0.26 4.70
CA SER A 488 18.81 -1.27 4.52
C SER A 488 19.83 -0.76 3.50
N PRO A 489 21.06 -0.44 3.96
CA PRO A 489 22.03 0.04 2.99
C PRO A 489 22.48 -1.07 2.06
N ILE A 490 22.82 -0.70 0.84
CA ILE A 490 23.33 -1.65 -0.14
C ILE A 490 24.82 -1.36 -0.26
N VAL A 491 25.63 -2.21 0.36
CA VAL A 491 27.11 -2.05 0.38
C VAL A 491 27.70 -1.88 -1.02
N ALA A 492 27.17 -2.60 -1.99
CA ALA A 492 27.66 -2.48 -3.38
C ALA A 492 27.46 -1.08 -4.02
N ARG A 493 26.66 -0.22 -3.35
CA ARG A 493 26.37 1.14 -3.87
C ARG A 493 26.41 2.23 -2.77
N ALA A 494 25.38 2.26 -1.91
CA ALA A 494 25.28 3.25 -0.82
C ALA A 494 26.40 3.07 0.21
#